data_6QQQ
#
_entry.id   6QQQ
#
_cell.length_a   74.517
_cell.length_b   77.662
_cell.length_c   85.999
_cell.angle_alpha   90.000
_cell.angle_beta   90.000
_cell.angle_gamma   90.000
#
_symmetry.space_group_name_H-M   'P 21 21 21'
#
loop_
_entity.id
_entity.type
_entity.pdbx_description
1 polymer 'tRNA (guanine-N(1)-)-methyltransferase'
2 non-polymer '(3-methoxy-5-pyridin-3-yl-phenyl)methyl 1~{H}-pyrazole-4-carboxylate'
3 non-polymer 'SULFATE ION'
4 water water
#
_entity_poly.entity_id   1
_entity_poly.type   'polypeptide(L)'
_entity_poly.pdbx_seq_one_letter_code
;GSMKIDVVTIFPEYLQPVRQSLPGKAIDAGLVDVAVHDLRRWTHDVHKSVDDSPYGGGPGMVMKPTVWGDALDEICTSET
LLVVPTPAGYPFTQETAWQWSTEDHLVIACGRYEGIDQRVADDAATRMRVREVSIGDYVLNGGEAAALVIIEAVLRLVPG
VLGNALSAQEDSHSEGMASLLEGPSYTRPPSWRGMDVPPVLLSGDHAKIAAWRAEQSRQRTIERRPDLLGFDSPTGEHGG
DGLS
;
_entity_poly.pdbx_strand_id   A,B
#
# COMPACT_ATOMS: atom_id res chain seq x y z
N SER A 2 3.89 -0.48 23.61
CA SER A 2 3.95 0.96 23.40
C SER A 2 4.86 1.31 22.23
N MET A 3 4.33 2.03 21.24
CA MET A 3 5.11 2.38 20.06
C MET A 3 4.94 3.85 19.67
N LYS A 4 6.06 4.50 19.39
CA LYS A 4 6.05 5.82 18.78
C LYS A 4 6.35 5.67 17.29
N ILE A 5 5.58 6.35 16.46
CA ILE A 5 5.87 6.41 15.03
C ILE A 5 6.06 7.87 14.61
N ASP A 6 7.21 8.17 14.03
CA ASP A 6 7.46 9.48 13.44
C ASP A 6 7.51 9.35 11.92
N VAL A 7 6.76 10.17 11.22
CA VAL A 7 6.80 10.20 9.76
C VAL A 7 7.36 11.54 9.28
N VAL A 8 8.30 11.48 8.34
CA VAL A 8 8.86 12.71 7.77
C VAL A 8 8.54 12.80 6.29
N THR A 9 7.99 13.95 5.88
CA THR A 9 7.44 14.08 4.54
C THR A 9 7.33 15.55 4.16
N ILE A 10 7.34 15.84 2.86
CA ILE A 10 7.06 17.20 2.42
C ILE A 10 5.55 17.42 2.22
N PHE A 11 4.77 16.36 2.46
CA PHE A 11 3.31 16.47 2.42
C PHE A 11 2.65 15.96 3.71
N PRO A 12 2.87 16.67 4.84
CA PRO A 12 2.35 16.19 6.14
C PRO A 12 0.84 16.05 6.19
N GLU A 13 0.09 16.82 5.40
CA GLU A 13 -1.37 16.70 5.40
C GLU A 13 -1.82 15.33 4.86
N TYR A 14 -1.02 14.72 4.02
CA TYR A 14 -1.33 13.42 3.44
C TYR A 14 -1.48 12.35 4.54
N LEU A 15 -0.85 12.61 5.69
CA LEU A 15 -0.86 11.67 6.81
C LEU A 15 -1.92 12.07 7.85
N GLN A 16 -2.91 12.84 7.43
CA GLN A 16 -4.02 13.19 8.33
C GLN A 16 -4.90 11.99 8.68
N PRO A 17 -5.26 11.15 7.67
CA PRO A 17 -6.04 9.93 7.96
C PRO A 17 -5.52 9.02 9.07
N VAL A 18 -4.23 8.68 9.08
CA VAL A 18 -3.73 7.79 10.11
C VAL A 18 -4.02 8.32 11.52
N ARG A 19 -3.72 9.58 11.77
CA ARG A 19 -3.91 10.15 13.10
C ARG A 19 -5.39 10.19 13.52
N GLN A 20 -6.29 10.24 12.54
CA GLN A 20 -7.72 10.10 12.79
C GLN A 20 -8.08 8.70 13.26
N SER A 21 -7.77 7.72 12.43
CA SER A 21 -8.17 6.32 12.66
C SER A 21 -7.68 5.71 13.97
N LEU A 22 -6.88 6.47 14.72
CA LEU A 22 -6.38 6.00 16.02
C LEU A 22 -7.46 6.10 17.09
N PRO A 23 -7.82 4.95 17.69
CA PRO A 23 -8.77 4.95 18.81
C PRO A 23 -8.27 5.78 19.99
N GLY A 24 -9.16 6.56 20.60
CA GLY A 24 -8.79 7.40 21.72
C GLY A 24 -8.23 6.62 22.89
N LYS A 25 -8.79 5.43 23.12
CA LYS A 25 -8.38 4.59 24.24
C LYS A 25 -6.92 4.15 24.12
N ALA A 26 -6.48 3.86 22.89
CA ALA A 26 -5.10 3.44 22.66
C ALA A 26 -4.12 4.58 22.96
N ILE A 27 -4.51 5.79 22.60
CA ILE A 27 -3.67 6.96 22.83
C ILE A 27 -3.60 7.30 24.32
N ASP A 28 -4.73 7.21 25.01
CA ASP A 28 -4.79 7.56 26.43
C ASP A 28 -4.13 6.50 27.31
N ALA A 29 -4.14 5.25 26.84
CA ALA A 29 -3.41 4.19 27.53
C ALA A 29 -1.93 4.23 27.16
N GLY A 30 -1.55 5.26 26.41
CA GLY A 30 -0.17 5.48 26.01
C GLY A 30 0.45 4.38 25.17
N LEU A 31 -0.37 3.60 24.47
CA LEU A 31 0.14 2.49 23.68
C LEU A 31 0.71 2.91 22.33
N VAL A 32 0.29 4.08 21.84
CA VAL A 32 0.71 4.52 20.52
C VAL A 32 0.72 6.04 20.40
N ASP A 33 1.69 6.55 19.66
CA ASP A 33 1.78 7.96 19.35
C ASP A 33 2.36 8.10 17.94
N VAL A 34 1.58 8.67 17.04
CA VAL A 34 2.02 8.90 15.68
C VAL A 34 2.20 10.39 15.45
N ALA A 35 3.42 10.79 15.10
CA ALA A 35 3.73 12.19 14.88
C ALA A 35 4.20 12.42 13.46
N VAL A 36 3.71 13.48 12.83
CA VAL A 36 4.07 13.79 11.45
C VAL A 36 4.91 15.06 11.40
N HIS A 37 5.99 15.03 10.62
CA HIS A 37 6.90 16.17 10.55
C HIS A 37 7.10 16.65 9.12
N ASP A 38 7.01 17.96 8.92
CA ASP A 38 7.28 18.57 7.62
C ASP A 38 8.80 18.60 7.37
N LEU A 39 9.27 17.92 6.32
CA LEU A 39 10.71 17.90 6.03
C LEU A 39 11.30 19.29 5.85
N ARG A 40 10.52 20.23 5.35
CA ARG A 40 11.05 21.55 5.04
C ARG A 40 11.46 22.32 6.30
N ARG A 41 11.09 21.81 7.46
CA ARG A 41 11.56 22.36 8.73
C ARG A 41 13.10 22.32 8.82
N TRP A 42 13.71 21.37 8.13
CA TRP A 42 15.16 21.21 8.22
C TRP A 42 15.89 21.71 6.97
N THR A 43 15.22 22.49 6.14
CA THR A 43 15.90 23.06 4.97
C THR A 43 16.81 24.20 5.46
N HIS A 44 17.79 24.59 4.65
CA HIS A 44 18.81 25.56 5.08
C HIS A 44 18.68 26.91 4.39
N ASP A 45 17.96 26.94 3.29
CA ASP A 45 17.90 28.13 2.45
C ASP A 45 16.52 28.74 2.46
N VAL A 46 16.45 29.98 2.01
CA VAL A 46 15.21 30.71 2.07
C VAL A 46 14.19 30.12 1.09
N HIS A 47 14.68 29.38 0.09
CA HIS A 47 13.79 28.73 -0.88
C HIS A 47 13.33 27.34 -0.41
N LYS A 48 13.77 26.93 0.77
CA LYS A 48 13.37 25.66 1.37
C LYS A 48 13.55 24.48 0.40
N SER A 49 14.74 24.38 -0.17
CA SER A 49 15.04 23.33 -1.14
C SER A 49 15.20 21.96 -0.48
N VAL A 50 14.51 20.96 -1.04
CA VAL A 50 14.67 19.60 -0.53
C VAL A 50 15.34 18.68 -1.55
N ASP A 51 15.58 19.18 -2.76
CA ASP A 51 16.17 18.34 -3.82
C ASP A 51 17.15 19.08 -4.72
N ASP A 52 17.85 18.32 -5.56
CA ASP A 52 18.91 18.84 -6.41
C ASP A 52 19.14 17.86 -7.55
N SER A 53 19.93 18.26 -8.55
CA SER A 53 20.15 17.43 -9.74
C SER A 53 21.03 16.22 -9.46
N PRO A 54 20.74 15.09 -10.12
CA PRO A 54 21.54 13.89 -9.86
C PRO A 54 22.94 13.94 -10.44
N TYR A 55 23.92 13.51 -9.65
CA TYR A 55 25.25 13.24 -10.19
C TYR A 55 25.18 12.10 -11.20
N GLY A 56 25.83 12.29 -12.34
CA GLY A 56 25.82 11.28 -13.38
C GLY A 56 24.66 11.48 -14.32
N GLY A 57 23.86 12.50 -14.05
CA GLY A 57 22.77 12.87 -14.92
C GLY A 57 21.57 11.97 -14.72
N GLY A 58 20.53 12.22 -15.50
CA GLY A 58 19.38 11.34 -15.46
C GLY A 58 18.10 12.10 -15.18
N PRO A 59 17.02 11.35 -14.95
CA PRO A 59 15.70 11.93 -14.74
C PRO A 59 15.45 12.24 -13.27
N GLY A 60 14.53 13.14 -13.01
CA GLY A 60 14.12 13.43 -11.66
C GLY A 60 15.18 14.08 -10.82
N MET A 61 14.75 14.68 -9.72
CA MET A 61 15.68 15.28 -8.78
C MET A 61 15.94 14.27 -7.65
N VAL A 62 17.02 14.47 -6.92
CA VAL A 62 17.39 13.58 -5.82
C VAL A 62 17.25 14.39 -4.55
N MET A 63 16.68 13.81 -3.49
CA MET A 63 16.50 14.60 -2.26
C MET A 63 17.82 14.79 -1.54
N LYS A 64 18.02 15.99 -0.99
CA LYS A 64 19.31 16.42 -0.45
C LYS A 64 19.70 15.70 0.82
N PRO A 65 20.95 15.23 0.90
CA PRO A 65 21.44 14.54 2.10
C PRO A 65 21.56 15.48 3.30
N THR A 66 21.91 16.73 3.07
CA THR A 66 22.09 17.66 4.20
C THR A 66 20.77 17.90 4.95
N VAL A 67 19.67 17.96 4.21
CA VAL A 67 18.36 18.19 4.80
C VAL A 67 17.86 16.96 5.54
N TRP A 68 17.93 15.80 4.89
CA TRP A 68 17.50 14.56 5.52
C TRP A 68 18.37 14.21 6.72
N GLY A 69 19.67 14.43 6.59
CA GLY A 69 20.60 14.15 7.67
C GLY A 69 20.26 14.93 8.92
N ASP A 70 19.91 16.21 8.74
CA ASP A 70 19.52 17.05 9.87
C ASP A 70 18.22 16.57 10.51
N ALA A 71 17.24 16.21 9.69
CA ALA A 71 15.97 15.73 10.22
C ALA A 71 16.13 14.46 11.03
N LEU A 72 16.80 13.47 10.44
CA LEU A 72 16.98 12.18 11.10
C LEU A 72 17.84 12.32 12.35
N ASP A 73 18.83 13.22 12.31
CA ASP A 73 19.65 13.48 13.50
C ASP A 73 18.78 13.90 14.67
N GLU A 74 17.74 14.69 14.40
CA GLU A 74 16.91 15.21 15.49
C GLU A 74 15.86 14.20 15.96
N ILE A 75 15.35 13.39 15.04
CA ILE A 75 14.22 12.50 15.33
CA ILE A 75 14.23 12.51 15.37
C ILE A 75 14.69 11.11 15.79
N CYS A 76 15.73 10.60 15.15
CA CYS A 76 16.17 9.24 15.46
C CYS A 76 17.04 9.14 16.71
N THR A 77 16.99 7.96 17.32
CA THR A 77 17.94 7.54 18.36
C THR A 77 18.54 6.21 17.96
N SER A 78 19.47 5.72 18.78
CA SER A 78 20.10 4.43 18.51
C SER A 78 19.09 3.27 18.51
N GLU A 79 17.92 3.49 19.14
CA GLU A 79 16.90 2.45 19.24
C GLU A 79 15.91 2.49 18.09
N THR A 80 16.03 3.50 17.25
CA THR A 80 15.11 3.69 16.14
C THR A 80 15.22 2.60 15.06
N LEU A 81 14.08 2.15 14.56
CA LEU A 81 14.03 1.43 13.29
C LEU A 81 13.64 2.40 12.16
N LEU A 82 14.59 2.73 11.28
CA LEU A 82 14.34 3.70 10.22
C LEU A 82 13.82 2.99 8.98
N VAL A 83 12.60 3.35 8.58
CA VAL A 83 11.92 2.69 7.47
C VAL A 83 11.89 3.62 6.28
N VAL A 84 12.35 3.15 5.14
CA VAL A 84 12.39 3.96 3.93
C VAL A 84 11.65 3.24 2.80
N PRO A 85 10.42 3.66 2.50
CA PRO A 85 9.67 3.05 1.41
C PRO A 85 10.31 3.40 0.07
N THR A 86 10.45 2.43 -0.80
CA THR A 86 11.06 2.64 -2.11
C THR A 86 10.76 1.44 -3.00
N PRO A 87 10.60 1.67 -4.32
CA PRO A 87 10.38 0.54 -5.23
C PRO A 87 11.57 -0.42 -5.27
N ALA A 88 12.71 0.05 -4.80
CA ALA A 88 13.97 -0.72 -4.84
C ALA A 88 14.23 -1.48 -3.56
N GLY A 89 13.24 -1.55 -2.68
CA GLY A 89 13.46 -2.08 -1.35
C GLY A 89 13.25 -3.57 -1.24
N TYR A 90 13.64 -4.15 -0.11
CA TYR A 90 13.23 -5.51 0.23
C TYR A 90 11.70 -5.56 0.34
N PRO A 91 11.09 -6.73 0.07
CA PRO A 91 9.63 -6.79 0.15
C PRO A 91 9.09 -6.64 1.57
N PHE A 92 8.10 -5.78 1.74
CA PHE A 92 7.38 -5.65 3.01
C PHE A 92 6.24 -6.63 2.95
N THR A 93 6.24 -7.57 3.88
CA THR A 93 5.20 -8.61 3.93
C THR A 93 4.60 -8.68 5.31
N GLN A 94 3.64 -9.59 5.49
CA GLN A 94 3.01 -9.75 6.78
C GLN A 94 4.03 -10.20 7.84
N GLU A 95 5.01 -10.99 7.43
CA GLU A 95 6.10 -11.35 8.32
C GLU A 95 6.80 -10.10 8.85
N THR A 96 7.09 -9.16 7.94
CA THR A 96 7.73 -7.90 8.31
C THR A 96 6.85 -7.12 9.30
N ALA A 97 5.56 -7.05 9.01
CA ALA A 97 4.62 -6.32 9.86
C ALA A 97 4.62 -6.90 11.28
N TRP A 98 4.58 -8.22 11.39
CA TRP A 98 4.65 -8.89 12.68
C TRP A 98 5.93 -8.53 13.43
N GLN A 99 7.06 -8.63 12.76
CA GLN A 99 8.34 -8.29 13.39
C GLN A 99 8.38 -6.85 13.88
N TRP A 100 7.88 -5.92 13.07
CA TRP A 100 7.99 -4.52 13.43
C TRP A 100 6.99 -4.12 14.50
N SER A 101 5.93 -4.92 14.68
CA SER A 101 4.87 -4.57 15.61
C SER A 101 5.35 -4.54 17.06
N THR A 102 6.54 -5.09 17.29
CA THR A 102 7.10 -5.10 18.65
C THR A 102 8.16 -4.01 18.85
N GLU A 103 8.40 -3.21 17.83
CA GLU A 103 9.39 -2.12 17.95
C GLU A 103 8.92 -0.99 18.86
N ASP A 104 9.86 -0.29 19.49
CA ASP A 104 9.52 0.84 20.34
C ASP A 104 9.41 2.15 19.55
N HIS A 105 10.17 2.25 18.45
CA HIS A 105 10.22 3.50 17.71
C HIS A 105 10.48 3.26 16.22
N LEU A 106 9.45 3.52 15.40
CA LEU A 106 9.63 3.51 13.95
C LEU A 106 9.72 4.93 13.46
N VAL A 107 10.63 5.19 12.54
CA VAL A 107 10.66 6.47 11.85
C VAL A 107 10.52 6.15 10.37
N ILE A 108 9.55 6.76 9.71
CA ILE A 108 9.35 6.49 8.29
C ILE A 108 9.73 7.72 7.46
N ALA A 109 10.71 7.54 6.59
CA ALA A 109 11.18 8.63 5.76
C ALA A 109 10.52 8.57 4.39
N CYS A 110 9.58 9.49 4.13
CA CYS A 110 8.89 9.51 2.84
C CYS A 110 9.66 10.31 1.79
N GLY A 111 10.13 9.60 0.77
CA GLY A 111 10.88 10.24 -0.29
C GLY A 111 9.98 10.57 -1.45
N ARG A 112 10.47 11.45 -2.32
CA ARG A 112 9.76 11.85 -3.52
C ARG A 112 10.70 11.88 -4.70
N TYR A 113 10.16 12.28 -5.85
CA TYR A 113 10.90 12.37 -7.11
C TYR A 113 11.65 11.07 -7.36
N GLU A 114 12.93 11.16 -7.70
CA GLU A 114 13.71 9.98 -8.07
C GLU A 114 14.20 9.17 -6.87
N GLY A 115 14.43 9.81 -5.74
CA GLY A 115 14.83 9.08 -4.56
C GLY A 115 15.61 9.96 -3.59
N ILE A 116 16.20 9.36 -2.57
CA ILE A 116 16.95 10.12 -1.55
C ILE A 116 18.41 9.77 -1.73
N ASP A 117 19.29 10.77 -1.63
CA ASP A 117 20.72 10.53 -1.71
C ASP A 117 21.07 9.32 -0.84
N GLN A 118 21.79 8.35 -1.41
CA GLN A 118 22.02 7.06 -0.73
C GLN A 118 22.83 7.19 0.56
N ARG A 119 23.61 8.26 0.68
CA ARG A 119 24.42 8.45 1.89
C ARG A 119 23.57 8.65 3.13
N VAL A 120 22.34 9.12 2.96
CA VAL A 120 21.47 9.29 4.12
C VAL A 120 21.25 7.95 4.82
N ALA A 121 20.80 6.95 4.07
CA ALA A 121 20.53 5.64 4.65
C ALA A 121 21.81 4.97 5.11
N ASP A 122 22.87 5.09 4.31
CA ASP A 122 24.15 4.47 4.63
C ASP A 122 24.76 5.07 5.91
N ASP A 123 24.68 6.39 6.07
CA ASP A 123 25.10 7.03 7.33
C ASP A 123 24.25 6.58 8.52
N ALA A 124 22.94 6.62 8.36
CA ALA A 124 22.02 6.20 9.41
C ALA A 124 22.32 4.77 9.85
N ALA A 125 22.63 3.90 8.87
CA ALA A 125 22.82 2.49 9.19
C ALA A 125 24.06 2.24 10.05
N THR A 126 24.94 3.23 10.19
CA THR A 126 26.11 3.04 11.05
C THR A 126 25.79 3.27 12.53
N ARG A 127 24.56 3.69 12.85
CA ARG A 127 24.23 3.79 14.27
C ARG A 127 22.80 3.39 14.62
N MET A 128 22.01 2.97 13.62
CA MET A 128 20.67 2.48 13.88
C MET A 128 20.28 1.44 12.83
N ARG A 129 19.17 0.75 13.03
CA ARG A 129 18.72 -0.25 12.05
C ARG A 129 17.94 0.47 10.95
N VAL A 130 18.24 0.13 9.70
CA VAL A 130 17.62 0.78 8.55
C VAL A 130 17.02 -0.28 7.63
N ARG A 131 15.78 -0.06 7.19
CA ARG A 131 15.10 -1.00 6.28
C ARG A 131 14.50 -0.27 5.08
N GLU A 132 15.09 -0.45 3.90
CA GLU A 132 14.48 0.02 2.66
C GLU A 132 13.51 -1.07 2.21
N VAL A 133 12.24 -0.72 2.05
CA VAL A 133 11.21 -1.73 1.75
C VAL A 133 10.26 -1.30 0.65
N SER A 134 9.79 -2.26 -0.13
CA SER A 134 8.75 -2.02 -1.13
CA SER A 134 8.76 -2.01 -1.12
C SER A 134 7.46 -2.65 -0.68
N ILE A 135 6.34 -1.95 -0.85
CA ILE A 135 5.06 -2.53 -0.47
C ILE A 135 4.41 -3.25 -1.65
N GLY A 136 5.05 -3.22 -2.81
CA GLY A 136 4.49 -3.83 -4.00
C GLY A 136 5.20 -3.40 -5.27
N ASP A 137 5.00 -4.18 -6.34
CA ASP A 137 5.71 -3.94 -7.59
C ASP A 137 4.96 -3.00 -8.51
N TYR A 138 4.83 -1.76 -8.07
CA TYR A 138 4.25 -0.68 -8.85
C TYR A 138 5.00 0.56 -8.44
N VAL A 139 4.79 1.65 -9.16
CA VAL A 139 5.50 2.88 -8.83
C VAL A 139 4.55 3.98 -8.38
N LEU A 140 4.90 4.66 -7.28
CA LEU A 140 4.12 5.81 -6.81
C LEU A 140 4.95 7.07 -6.97
N ASN A 141 4.35 8.23 -6.75
CA ASN A 141 5.09 9.49 -6.83
C ASN A 141 5.96 9.74 -5.60
N GLY A 142 5.51 9.22 -4.47
CA GLY A 142 6.18 9.47 -3.20
C GLY A 142 5.86 8.36 -2.21
N GLY A 143 6.55 8.37 -1.08
CA GLY A 143 6.41 7.28 -0.14
C GLY A 143 5.23 7.39 0.81
N GLU A 144 4.45 8.47 0.68
CA GLU A 144 3.42 8.74 1.66
C GLU A 144 2.33 7.66 1.67
N ALA A 145 1.84 7.26 0.52
CA ALA A 145 0.81 6.20 0.48
C ALA A 145 1.37 4.89 1.04
N ALA A 146 2.65 4.63 0.79
CA ALA A 146 3.29 3.44 1.34
C ALA A 146 3.38 3.54 2.85
N ALA A 147 3.67 4.73 3.37
CA ALA A 147 3.70 4.91 4.82
C ALA A 147 2.36 4.57 5.46
N LEU A 148 1.27 5.01 4.83
CA LEU A 148 -0.07 4.69 5.33
C LEU A 148 -0.29 3.18 5.40
N VAL A 149 0.11 2.49 4.33
CA VAL A 149 -0.05 1.03 4.27
C VAL A 149 0.75 0.36 5.37
N ILE A 150 2.00 0.77 5.51
CA ILE A 150 2.87 0.20 6.54
C ILE A 150 2.31 0.45 7.95
N ILE A 151 1.93 1.68 8.22
CA ILE A 151 1.42 2.04 9.53
C ILE A 151 0.20 1.21 9.86
N GLU A 152 -0.70 1.04 8.90
CA GLU A 152 -1.90 0.28 9.16
C GLU A 152 -1.59 -1.20 9.36
N ALA A 153 -0.73 -1.79 8.52
CA ALA A 153 -0.43 -3.20 8.65
C ALA A 153 0.28 -3.52 9.96
N VAL A 154 1.13 -2.62 10.44
CA VAL A 154 1.85 -2.86 11.68
C VAL A 154 0.98 -2.63 12.92
N LEU A 155 0.27 -1.52 12.96
CA LEU A 155 -0.49 -1.11 14.13
C LEU A 155 -1.71 -1.99 14.41
N ARG A 156 -2.23 -2.66 13.39
CA ARG A 156 -3.36 -3.57 13.65
C ARG A 156 -2.86 -4.86 14.32
N LEU A 157 -1.54 -5.05 14.36
CA LEU A 157 -0.95 -6.19 15.05
C LEU A 157 -0.49 -5.82 16.48
N VAL A 158 -0.61 -4.55 16.82
CA VAL A 158 -0.32 -4.11 18.18
C VAL A 158 -1.63 -4.13 18.97
N PRO A 159 -1.72 -5.07 19.92
CA PRO A 159 -2.94 -5.30 20.69
C PRO A 159 -3.50 -4.01 21.31
N GLY A 160 -4.74 -3.66 20.94
CA GLY A 160 -5.40 -2.50 21.50
C GLY A 160 -5.48 -1.30 20.57
N VAL A 161 -4.62 -1.29 19.55
CA VAL A 161 -4.60 -0.20 18.60
C VAL A 161 -5.51 -0.49 17.42
N SER A 179 1.45 -19.97 2.13
CA SER A 179 0.15 -20.44 2.58
C SER A 179 -0.87 -20.34 1.44
N LEU A 180 -2.14 -20.13 1.79
CA LEU A 180 -3.19 -20.10 0.79
C LEU A 180 -4.07 -18.86 0.92
N LEU A 181 -4.71 -18.47 -0.19
CA LEU A 181 -5.66 -17.37 -0.17
C LEU A 181 -6.95 -17.74 0.56
N GLU A 182 -7.56 -16.76 1.23
CA GLU A 182 -8.89 -16.98 1.82
C GLU A 182 -9.94 -17.13 0.70
N GLY A 183 -10.91 -17.99 0.94
CA GLY A 183 -12.00 -18.19 -0.02
C GLY A 183 -13.11 -17.18 0.20
N PRO A 184 -14.24 -17.37 -0.50
CA PRO A 184 -15.35 -16.42 -0.45
C PRO A 184 -16.11 -16.47 0.88
N SER A 185 -16.67 -15.34 1.27
CA SER A 185 -17.47 -15.22 2.48
CA SER A 185 -17.48 -15.28 2.48
C SER A 185 -18.91 -14.91 2.11
N TYR A 186 -19.85 -15.34 2.94
CA TYR A 186 -21.27 -15.08 2.70
C TYR A 186 -21.96 -14.70 3.99
N THR A 187 -22.95 -13.82 3.89
CA THR A 187 -23.83 -13.55 5.02
C THR A 187 -25.27 -13.43 4.52
N ARG A 188 -26.17 -13.00 5.41
CA ARG A 188 -27.59 -12.86 5.09
C ARG A 188 -27.84 -11.85 3.98
N PRO A 189 -28.87 -12.05 3.16
CA PRO A 189 -29.88 -13.12 3.18
C PRO A 189 -29.44 -14.38 2.43
N PRO A 190 -30.07 -15.52 2.74
CA PRO A 190 -29.68 -16.78 2.08
C PRO A 190 -29.85 -16.73 0.56
N SER A 191 -30.72 -15.88 0.04
CA SER A 191 -30.89 -15.73 -1.40
CA SER A 191 -30.90 -15.73 -1.40
C SER A 191 -30.94 -14.26 -1.80
N TRP A 192 -30.13 -13.89 -2.78
CA TRP A 192 -30.02 -12.49 -3.20
C TRP A 192 -29.75 -12.36 -4.69
N ARG A 193 -30.62 -11.62 -5.38
CA ARG A 193 -30.53 -11.43 -6.83
C ARG A 193 -30.27 -12.73 -7.59
N GLY A 194 -30.96 -13.80 -7.21
CA GLY A 194 -30.88 -15.05 -7.94
C GLY A 194 -29.72 -15.94 -7.53
N MET A 195 -28.95 -15.51 -6.53
CA MET A 195 -27.78 -16.25 -6.10
C MET A 195 -27.92 -16.74 -4.67
N ASP A 196 -27.79 -18.06 -4.47
CA ASP A 196 -27.93 -18.66 -3.16
C ASP A 196 -26.57 -18.85 -2.49
N VAL A 197 -26.52 -18.63 -1.17
CA VAL A 197 -25.37 -19.02 -0.37
C VAL A 197 -25.17 -20.53 -0.54
N PRO A 198 -23.92 -21.00 -0.79
CA PRO A 198 -23.65 -22.44 -0.89
C PRO A 198 -24.24 -23.24 0.27
N PRO A 199 -25.12 -24.21 -0.04
CA PRO A 199 -25.89 -24.96 0.95
C PRO A 199 -25.02 -25.65 1.98
N VAL A 200 -23.81 -26.08 1.60
CA VAL A 200 -22.91 -26.70 2.57
C VAL A 200 -22.71 -25.80 3.81
N LEU A 201 -22.71 -24.48 3.61
CA LEU A 201 -22.43 -23.56 4.72
C LEU A 201 -23.57 -23.53 5.74
N LEU A 202 -24.75 -23.97 5.33
CA LEU A 202 -25.91 -24.04 6.23
C LEU A 202 -26.18 -25.47 6.70
N SER A 203 -25.22 -26.37 6.49
CA SER A 203 -25.44 -27.81 6.71
C SER A 203 -25.28 -28.26 8.16
N GLY A 204 -24.55 -27.49 8.96
CA GLY A 204 -24.27 -27.92 10.31
C GLY A 204 -23.25 -29.05 10.38
N ASP A 205 -22.64 -29.38 9.23
CA ASP A 205 -21.55 -30.35 9.19
C ASP A 205 -20.23 -29.61 9.12
N HIS A 206 -19.62 -29.33 10.27
CA HIS A 206 -18.50 -28.40 10.27
C HIS A 206 -17.20 -29.01 9.74
N ALA A 207 -17.07 -30.33 9.78
CA ALA A 207 -15.91 -30.95 9.14
C ALA A 207 -15.99 -30.76 7.63
N LYS A 208 -17.18 -30.96 7.08
CA LYS A 208 -17.39 -30.81 5.64
C LYS A 208 -17.25 -29.36 5.19
N ILE A 209 -17.75 -28.43 5.99
CA ILE A 209 -17.58 -27.00 5.70
C ILE A 209 -16.11 -26.63 5.63
N ALA A 210 -15.32 -27.14 6.58
CA ALA A 210 -13.89 -26.83 6.61
C ALA A 210 -13.20 -27.37 5.34
N ALA A 211 -13.63 -28.53 4.86
CA ALA A 211 -13.05 -29.12 3.66
C ALA A 211 -13.47 -28.38 2.39
N TRP A 212 -14.71 -27.90 2.37
CA TRP A 212 -15.20 -27.09 1.26
C TRP A 212 -14.40 -25.78 1.16
N ARG A 213 -14.22 -25.12 2.30
CA ARG A 213 -13.44 -23.89 2.36
C ARG A 213 -11.97 -24.10 1.95
N ALA A 214 -11.36 -25.20 2.39
CA ALA A 214 -9.99 -25.52 1.99
C ALA A 214 -9.90 -25.69 0.47
N GLU A 215 -10.88 -26.35 -0.13
CA GLU A 215 -10.87 -26.54 -1.58
C GLU A 215 -11.11 -25.23 -2.33
N GLN A 216 -11.99 -24.39 -1.78
CA GLN A 216 -12.18 -23.03 -2.32
C GLN A 216 -10.86 -22.29 -2.29
N SER A 217 -10.15 -22.41 -1.19
CA SER A 217 -8.87 -21.73 -0.99
CA SER A 217 -8.88 -21.70 -1.02
C SER A 217 -7.82 -22.21 -2.00
N ARG A 218 -7.78 -23.53 -2.19
CA ARG A 218 -6.84 -24.13 -3.13
C ARG A 218 -7.13 -23.65 -4.55
N GLN A 219 -8.39 -23.72 -4.97
CA GLN A 219 -8.77 -23.29 -6.31
C GLN A 219 -8.49 -21.81 -6.57
N ARG A 220 -8.76 -20.97 -5.59
CA ARG A 220 -8.52 -19.56 -5.75
C ARG A 220 -7.01 -19.28 -5.86
N THR A 221 -6.22 -19.99 -5.08
CA THR A 221 -4.78 -19.75 -5.07
C THR A 221 -4.17 -20.20 -6.42
N ILE A 222 -4.67 -21.30 -6.97
CA ILE A 222 -4.18 -21.78 -8.27
C ILE A 222 -4.49 -20.76 -9.37
N GLU A 223 -5.73 -20.26 -9.34
CA GLU A 223 -6.20 -19.31 -10.34
C GLU A 223 -5.56 -17.93 -10.21
N ARG A 224 -5.40 -17.45 -8.98
CA ARG A 224 -4.97 -16.06 -8.78
C ARG A 224 -3.52 -15.86 -8.39
N ARG A 225 -2.94 -16.84 -7.70
CA ARG A 225 -1.59 -16.70 -7.18
C ARG A 225 -0.79 -17.98 -7.32
N PRO A 226 -0.59 -18.47 -8.56
CA PRO A 226 0.13 -19.74 -8.66
C PRO A 226 1.56 -19.63 -8.14
N ASP A 227 2.03 -18.40 -7.96
CA ASP A 227 3.36 -18.16 -7.41
C ASP A 227 3.50 -18.63 -5.97
N LEU A 228 2.38 -18.82 -5.27
CA LEU A 228 2.45 -19.21 -3.87
C LEU A 228 2.58 -20.71 -3.70
N LEU A 229 2.57 -21.44 -4.81
CA LEU A 229 2.68 -22.89 -4.79
C LEU A 229 4.03 -23.33 -5.32
N SER B 2 -8.78 11.20 -20.03
CA SER B 2 -9.59 11.68 -18.92
C SER B 2 -10.27 10.50 -18.24
N MET B 3 -10.47 10.61 -16.93
CA MET B 3 -10.92 9.47 -16.14
C MET B 3 -11.77 9.90 -14.94
N LYS B 4 -12.80 9.11 -14.63
CA LYS B 4 -13.57 9.31 -13.40
C LYS B 4 -13.27 8.18 -12.43
N ILE B 5 -13.01 8.52 -11.18
CA ILE B 5 -12.82 7.50 -10.16
C ILE B 5 -13.80 7.69 -9.01
N ASP B 6 -14.65 6.71 -8.79
CA ASP B 6 -15.53 6.71 -7.63
C ASP B 6 -15.00 5.75 -6.59
N VAL B 7 -14.91 6.20 -5.35
CA VAL B 7 -14.53 5.31 -4.25
C VAL B 7 -15.72 5.14 -3.32
N VAL B 8 -15.97 3.91 -2.87
CA VAL B 8 -17.11 3.66 -1.99
C VAL B 8 -16.63 3.05 -0.69
N THR B 9 -16.98 3.66 0.43
CA THR B 9 -16.38 3.31 1.70
C THR B 9 -17.29 3.70 2.86
N ILE B 10 -17.17 3.00 3.99
CA ILE B 10 -17.86 3.46 5.20
C ILE B 10 -17.02 4.47 5.98
N PHE B 11 -15.80 4.73 5.52
CA PHE B 11 -14.93 5.73 6.14
C PHE B 11 -14.43 6.77 5.14
N PRO B 12 -15.34 7.58 4.57
CA PRO B 12 -14.93 8.49 3.49
C PRO B 12 -13.85 9.51 3.86
N GLU B 13 -13.71 9.84 5.14
CA GLU B 13 -12.75 10.86 5.52
C GLU B 13 -11.30 10.36 5.41
N TYR B 14 -11.12 9.05 5.31
CA TYR B 14 -9.78 8.50 5.10
C TYR B 14 -9.29 8.82 3.69
N LEU B 15 -10.22 9.08 2.77
CA LEU B 15 -9.87 9.34 1.38
C LEU B 15 -9.55 10.81 1.10
N GLN B 16 -9.61 11.64 2.15
CA GLN B 16 -9.26 13.07 2.00
C GLN B 16 -7.88 13.35 1.38
N PRO B 17 -6.85 12.53 1.69
CA PRO B 17 -5.54 12.85 1.08
C PRO B 17 -5.42 12.59 -0.43
N VAL B 18 -6.52 12.36 -1.14
CA VAL B 18 -6.45 12.21 -2.60
C VAL B 18 -6.08 13.53 -3.26
N GLY B 30 -7.66 19.34 -14.87
CA GLY B 30 -8.86 18.52 -14.88
C GLY B 30 -8.76 17.30 -15.78
N LEU B 31 -7.73 16.49 -15.57
CA LEU B 31 -7.54 15.28 -16.36
C LEU B 31 -8.27 14.11 -15.73
N VAL B 32 -8.67 14.29 -14.47
CA VAL B 32 -9.35 13.25 -13.73
C VAL B 32 -10.27 13.85 -12.67
N ASP B 33 -11.39 13.20 -12.42
CA ASP B 33 -12.28 13.54 -11.32
C ASP B 33 -12.36 12.35 -10.37
N VAL B 34 -12.21 12.62 -9.08
CA VAL B 34 -12.32 11.58 -8.06
C VAL B 34 -13.41 11.92 -7.04
N ALA B 35 -14.41 11.04 -6.93
CA ALA B 35 -15.51 11.25 -5.99
C ALA B 35 -15.53 10.14 -4.93
N VAL B 36 -15.81 10.51 -3.70
CA VAL B 36 -15.85 9.56 -2.60
C VAL B 36 -17.25 9.47 -2.02
N HIS B 37 -17.77 8.26 -1.89
CA HIS B 37 -19.14 8.04 -1.47
C HIS B 37 -19.26 7.24 -0.17
N ASP B 38 -20.08 7.74 0.74
CA ASP B 38 -20.37 7.04 1.99
C ASP B 38 -21.36 5.90 1.74
N LEU B 39 -20.89 4.66 1.88
CA LEU B 39 -21.74 3.47 1.68
C LEU B 39 -23.01 3.48 2.53
N ARG B 40 -22.95 4.10 3.71
CA ARG B 40 -24.11 4.10 4.61
C ARG B 40 -25.29 4.89 4.03
N ARG B 41 -25.02 5.72 3.03
CA ARG B 41 -26.08 6.45 2.31
C ARG B 41 -27.11 5.54 1.63
N TRP B 42 -26.81 4.24 1.52
CA TRP B 42 -27.72 3.32 0.83
C TRP B 42 -28.38 2.31 1.79
N THR B 43 -28.22 2.53 3.10
CA THR B 43 -28.94 1.74 4.08
C THR B 43 -30.31 2.37 4.32
N HIS B 44 -31.28 1.58 4.79
CA HIS B 44 -32.65 2.06 4.89
C HIS B 44 -33.11 2.29 6.33
N ASP B 45 -32.57 1.54 7.27
CA ASP B 45 -33.02 1.61 8.66
C ASP B 45 -32.08 2.46 9.52
N VAL B 46 -32.50 2.70 10.76
CA VAL B 46 -31.85 3.68 11.65
C VAL B 46 -30.40 3.35 12.02
N HIS B 47 -30.14 2.09 12.36
CA HIS B 47 -28.81 1.69 12.82
C HIS B 47 -27.77 1.71 11.69
N LYS B 48 -28.26 1.77 10.44
CA LYS B 48 -27.41 1.78 9.26
C LYS B 48 -26.43 0.59 9.25
N SER B 49 -26.96 -0.61 9.46
CA SER B 49 -26.12 -1.81 9.59
C SER B 49 -25.59 -2.31 8.25
N VAL B 50 -24.28 -2.47 8.14
CA VAL B 50 -23.69 -2.82 6.87
C VAL B 50 -23.10 -4.24 6.90
N ASP B 51 -23.02 -4.84 8.08
CA ASP B 51 -22.38 -6.15 8.25
C ASP B 51 -23.24 -7.16 9.00
N ASP B 52 -22.86 -8.43 8.92
CA ASP B 52 -23.53 -9.49 9.67
C ASP B 52 -22.57 -10.66 9.84
N SER B 53 -22.94 -11.62 10.68
CA SER B 53 -22.13 -12.81 10.93
C SER B 53 -22.03 -13.68 9.68
N PRO B 54 -20.89 -14.36 9.49
CA PRO B 54 -20.67 -15.22 8.32
C PRO B 54 -21.46 -16.54 8.37
N TYR B 55 -22.07 -16.91 7.25
CA TYR B 55 -22.60 -18.25 7.12
C TYR B 55 -21.46 -19.25 7.19
N GLY B 56 -21.68 -20.38 7.87
CA GLY B 56 -20.67 -21.42 7.95
C GLY B 56 -19.70 -21.22 9.09
N GLY B 57 -19.80 -20.08 9.75
CA GLY B 57 -18.94 -19.78 10.88
C GLY B 57 -17.67 -19.05 10.45
N GLY B 58 -16.84 -18.69 11.42
CA GLY B 58 -15.58 -18.04 11.11
C GLY B 58 -15.38 -16.79 11.93
N PRO B 59 -14.21 -16.15 11.77
CA PRO B 59 -13.93 -14.94 12.56
C PRO B 59 -14.48 -13.70 11.88
N GLY B 60 -14.99 -12.77 12.68
CA GLY B 60 -15.34 -11.47 12.15
C GLY B 60 -16.62 -11.43 11.35
N MET B 61 -16.97 -10.23 10.91
CA MET B 61 -18.24 -9.98 10.23
C MET B 61 -18.03 -9.82 8.74
N VAL B 62 -19.11 -9.96 7.99
CA VAL B 62 -19.06 -9.85 6.54
C VAL B 62 -20.00 -8.73 6.10
N MET B 63 -19.56 -7.90 5.15
CA MET B 63 -20.44 -6.83 4.68
C MET B 63 -21.59 -7.44 3.86
N LYS B 64 -22.81 -6.99 4.14
CA LYS B 64 -24.01 -7.52 3.50
C LYS B 64 -24.07 -7.13 2.04
N PRO B 65 -24.60 -8.02 1.19
CA PRO B 65 -24.66 -7.73 -0.25
C PRO B 65 -25.70 -6.65 -0.60
N THR B 66 -26.78 -6.59 0.17
CA THR B 66 -27.89 -5.68 -0.14
C THR B 66 -27.45 -4.21 -0.26
N VAL B 67 -26.72 -3.72 0.73
CA VAL B 67 -26.28 -2.32 0.71
C VAL B 67 -25.34 -2.05 -0.46
N TRP B 68 -24.33 -2.90 -0.62
CA TRP B 68 -23.40 -2.80 -1.75
C TRP B 68 -24.12 -2.82 -3.11
N GLY B 69 -25.09 -3.71 -3.27
CA GLY B 69 -25.82 -3.81 -4.52
C GLY B 69 -26.54 -2.52 -4.89
N ASP B 70 -27.16 -1.88 -3.91
CA ASP B 70 -27.86 -0.62 -4.15
C ASP B 70 -26.87 0.52 -4.49
N ALA B 71 -25.75 0.59 -3.77
CA ALA B 71 -24.75 1.61 -4.07
C ALA B 71 -24.18 1.44 -5.49
N LEU B 72 -23.78 0.22 -5.82
CA LEU B 72 -23.17 -0.03 -7.11
C LEU B 72 -24.17 0.14 -8.26
N ASP B 73 -25.46 -0.16 -8.01
CA ASP B 73 -26.49 0.04 -9.04
C ASP B 73 -26.54 1.49 -9.50
N GLU B 74 -26.44 2.40 -8.55
CA GLU B 74 -26.49 3.83 -8.83
C GLU B 74 -25.20 4.34 -9.48
N ILE B 75 -24.06 3.81 -9.03
CA ILE B 75 -22.76 4.39 -9.35
C ILE B 75 -22.12 3.81 -10.61
N CYS B 76 -22.35 2.52 -10.87
CA CYS B 76 -21.72 1.85 -12.00
C CYS B 76 -22.57 1.82 -13.26
N THR B 77 -21.88 1.65 -14.39
CA THR B 77 -22.51 1.33 -15.67
C THR B 77 -21.80 0.10 -16.26
N SER B 78 -22.26 -0.37 -17.41
CA SER B 78 -21.65 -1.52 -18.04
C SER B 78 -20.23 -1.24 -18.54
N GLU B 79 -19.85 0.04 -18.60
CA GLU B 79 -18.50 0.41 -19.02
C GLU B 79 -17.51 0.44 -17.84
N THR B 80 -18.06 0.44 -16.64
CA THR B 80 -17.27 0.58 -15.42
C THR B 80 -16.30 -0.59 -15.17
N LEU B 81 -15.09 -0.26 -14.72
CA LEU B 81 -14.21 -1.27 -14.18
C LEU B 81 -14.33 -1.24 -12.66
N LEU B 82 -14.97 -2.24 -12.09
CA LEU B 82 -15.13 -2.31 -10.64
C LEU B 82 -13.92 -2.97 -10.01
N VAL B 83 -13.28 -2.24 -9.10
CA VAL B 83 -12.04 -2.69 -8.47
C VAL B 83 -12.32 -3.00 -7.01
N VAL B 84 -11.93 -4.17 -6.55
CA VAL B 84 -12.14 -4.54 -5.17
C VAL B 84 -10.82 -4.98 -4.55
N PRO B 85 -10.20 -4.11 -3.74
CA PRO B 85 -8.98 -4.53 -3.06
C PRO B 85 -9.24 -5.63 -2.04
N THR B 86 -8.38 -6.64 -2.03
CA THR B 86 -8.51 -7.76 -1.10
C THR B 86 -7.20 -8.55 -1.06
N PRO B 87 -6.78 -9.02 0.13
CA PRO B 87 -5.57 -9.85 0.18
C PRO B 87 -5.70 -11.14 -0.65
N ALA B 88 -6.92 -11.49 -1.02
CA ALA B 88 -7.18 -12.68 -1.83
C ALA B 88 -7.26 -12.39 -3.34
N GLY B 89 -6.87 -11.19 -3.76
CA GLY B 89 -7.06 -10.75 -5.13
C GLY B 89 -5.95 -11.18 -6.09
N TYR B 90 -6.17 -10.99 -7.39
CA TYR B 90 -5.06 -11.04 -8.36
C TYR B 90 -4.06 -9.92 -8.00
N PRO B 91 -2.76 -10.12 -8.25
CA PRO B 91 -1.79 -9.06 -7.92
C PRO B 91 -1.98 -7.81 -8.78
N PHE B 92 -2.04 -6.66 -8.11
CA PHE B 92 -1.96 -5.36 -8.74
C PHE B 92 -0.49 -5.01 -8.91
N THR B 93 -0.04 -4.84 -10.16
CA THR B 93 1.34 -4.48 -10.45
C THR B 93 1.40 -3.28 -11.39
N GLN B 94 2.61 -2.90 -11.79
CA GLN B 94 2.77 -1.77 -12.70
C GLN B 94 2.12 -2.05 -14.07
N GLU B 95 2.13 -3.31 -14.49
CA GLU B 95 1.42 -3.71 -15.69
C GLU B 95 -0.08 -3.40 -15.55
N THR B 96 -0.63 -3.72 -14.38
CA THR B 96 -2.03 -3.41 -14.08
C THR B 96 -2.28 -1.92 -14.14
N ALA B 97 -1.36 -1.13 -13.56
CA ALA B 97 -1.52 0.32 -13.55
C ALA B 97 -1.56 0.85 -14.98
N TRP B 98 -0.63 0.40 -15.83
CA TRP B 98 -0.64 0.78 -17.25
C TRP B 98 -1.98 0.41 -17.90
N GLN B 99 -2.45 -0.80 -17.63
CA GLN B 99 -3.70 -1.25 -18.22
C GLN B 99 -4.87 -0.34 -17.81
N TRP B 100 -4.95 0.01 -16.54
CA TRP B 100 -6.10 0.78 -16.05
C TRP B 100 -5.99 2.26 -16.39
N SER B 101 -4.81 2.72 -16.77
CA SER B 101 -4.58 4.14 -17.02
C SER B 101 -5.39 4.67 -18.21
N THR B 102 -5.90 3.77 -19.04
CA THR B 102 -6.68 4.19 -20.21
C THR B 102 -8.17 3.91 -20.04
N GLU B 103 -8.59 3.56 -18.82
CA GLU B 103 -10.02 3.35 -18.53
C GLU B 103 -10.77 4.66 -18.36
N ASP B 104 -12.04 4.69 -18.74
CA ASP B 104 -12.87 5.87 -18.56
C ASP B 104 -13.42 6.00 -17.14
N HIS B 105 -13.73 4.87 -16.50
CA HIS B 105 -14.43 4.89 -15.22
C HIS B 105 -13.98 3.73 -14.33
N LEU B 106 -13.30 4.06 -13.23
CA LEU B 106 -12.95 3.09 -12.21
C LEU B 106 -13.84 3.30 -11.00
N VAL B 107 -14.37 2.22 -10.43
CA VAL B 107 -15.05 2.31 -9.16
C VAL B 107 -14.34 1.41 -8.18
N ILE B 108 -13.91 1.99 -7.06
CA ILE B 108 -13.16 1.21 -6.09
C ILE B 108 -14.00 0.94 -4.84
N ALA B 109 -14.34 -0.32 -4.63
CA ALA B 109 -15.18 -0.70 -3.50
C ALA B 109 -14.29 -1.10 -2.33
N CYS B 110 -14.32 -0.30 -1.26
CA CYS B 110 -13.48 -0.55 -0.10
C CYS B 110 -14.20 -1.37 0.96
N GLY B 111 -13.73 -2.59 1.20
CA GLY B 111 -14.28 -3.44 2.24
C GLY B 111 -13.73 -3.13 3.62
N ARG B 112 -14.46 -3.58 4.64
CA ARG B 112 -14.05 -3.52 6.04
C ARG B 112 -14.46 -4.84 6.67
N TYR B 113 -14.31 -4.98 7.99
CA TYR B 113 -14.57 -6.25 8.68
C TYR B 113 -13.72 -7.38 8.04
N GLU B 114 -14.22 -8.62 7.95
CA GLU B 114 -13.40 -9.72 7.40
C GLU B 114 -13.64 -9.86 5.89
N GLY B 115 -14.56 -9.08 5.33
CA GLY B 115 -14.74 -9.12 3.88
C GLY B 115 -16.11 -8.68 3.38
N ILE B 116 -16.32 -8.84 2.08
CA ILE B 116 -17.60 -8.51 1.43
C ILE B 116 -18.25 -9.78 0.90
N ASP B 117 -19.55 -9.93 1.11
CA ASP B 117 -20.30 -11.08 0.56
C ASP B 117 -19.92 -11.30 -0.91
N GLN B 118 -19.50 -12.52 -1.26
CA GLN B 118 -18.96 -12.80 -2.59
C GLN B 118 -19.97 -12.50 -3.70
N ARG B 119 -21.26 -12.51 -3.37
CA ARG B 119 -22.28 -12.30 -4.40
C ARG B 119 -22.26 -10.88 -4.97
N VAL B 120 -21.73 -9.93 -4.22
CA VAL B 120 -21.61 -8.57 -4.73
C VAL B 120 -20.74 -8.53 -5.98
N ALA B 121 -19.55 -9.14 -5.90
CA ALA B 121 -18.67 -9.18 -7.07
C ALA B 121 -19.29 -10.07 -8.16
N ASP B 122 -19.89 -11.19 -7.76
CA ASP B 122 -20.45 -12.15 -8.72
C ASP B 122 -21.62 -11.54 -9.50
N ASP B 123 -22.46 -10.77 -8.83
CA ASP B 123 -23.58 -10.08 -9.45
C ASP B 123 -23.10 -8.98 -10.37
N ALA B 124 -22.12 -8.22 -9.89
CA ALA B 124 -21.59 -7.10 -10.66
C ALA B 124 -21.01 -7.61 -11.96
N ALA B 125 -20.39 -8.79 -11.90
CA ALA B 125 -19.69 -9.34 -13.06
C ALA B 125 -20.65 -9.77 -14.17
N THR B 126 -21.96 -9.77 -13.90
CA THR B 126 -22.95 -10.08 -14.94
C THR B 126 -23.26 -8.85 -15.78
N ARG B 127 -22.80 -7.69 -15.33
CA ARG B 127 -23.12 -6.41 -15.95
C ARG B 127 -21.88 -5.62 -16.35
N MET B 128 -20.76 -5.91 -15.70
CA MET B 128 -19.55 -5.11 -15.90
C MET B 128 -18.30 -5.94 -15.66
N ARG B 129 -17.14 -5.33 -15.90
CA ARG B 129 -15.88 -6.01 -15.64
C ARG B 129 -15.50 -5.79 -14.19
N VAL B 130 -15.12 -6.86 -13.50
CA VAL B 130 -14.77 -6.79 -12.09
C VAL B 130 -13.36 -7.35 -11.86
N ARG B 131 -12.58 -6.65 -11.03
CA ARG B 131 -11.21 -7.04 -10.70
C ARG B 131 -10.98 -7.02 -9.19
N GLU B 132 -10.85 -8.19 -8.59
CA GLU B 132 -10.41 -8.31 -7.20
C GLU B 132 -8.89 -8.35 -7.23
N VAL B 133 -8.26 -7.39 -6.55
CA VAL B 133 -6.81 -7.26 -6.63
C VAL B 133 -6.16 -7.07 -5.27
N SER B 134 -4.96 -7.63 -5.11
CA SER B 134 -4.12 -7.39 -3.92
CA SER B 134 -4.16 -7.35 -3.92
C SER B 134 -2.99 -6.44 -4.28
N ILE B 135 -2.69 -5.49 -3.40
CA ILE B 135 -1.56 -4.59 -3.64
C ILE B 135 -0.29 -5.07 -2.96
N GLY B 136 -0.38 -6.20 -2.27
CA GLY B 136 0.78 -6.75 -1.58
C GLY B 136 0.37 -7.76 -0.53
N ASP B 137 1.33 -8.60 -0.13
CA ASP B 137 1.06 -9.72 0.77
C ASP B 137 1.16 -9.32 2.25
N TYR B 138 0.22 -8.48 2.66
CA TYR B 138 0.07 -8.05 4.03
C TYR B 138 -1.41 -7.82 4.20
N VAL B 139 -1.84 -7.65 5.45
CA VAL B 139 -3.27 -7.50 5.69
C VAL B 139 -3.54 -6.12 6.29
N LEU B 140 -4.57 -5.46 5.77
CA LEU B 140 -5.02 -4.18 6.29
C LEU B 140 -6.39 -4.34 6.97
N ASN B 141 -6.84 -3.32 7.69
CA ASN B 141 -8.18 -3.37 8.27
C ASN B 141 -9.28 -3.15 7.21
N GLY B 142 -8.94 -2.40 6.16
CA GLY B 142 -9.92 -2.07 5.13
C GLY B 142 -9.26 -1.69 3.82
N GLY B 143 -10.05 -1.54 2.76
CA GLY B 143 -9.52 -1.29 1.43
C GLY B 143 -9.11 0.15 1.16
N GLU B 144 -9.36 1.03 2.12
CA GLU B 144 -9.14 2.47 1.88
C GLU B 144 -7.68 2.84 1.56
N ALA B 145 -6.73 2.31 2.32
CA ALA B 145 -5.32 2.62 2.03
C ALA B 145 -4.92 2.01 0.68
N ALA B 146 -5.46 0.84 0.37
CA ALA B 146 -5.16 0.21 -0.91
C ALA B 146 -5.72 1.06 -2.06
N ALA B 147 -6.87 1.68 -1.84
CA ALA B 147 -7.48 2.55 -2.85
C ALA B 147 -6.59 3.74 -3.16
N LEU B 148 -5.95 4.28 -2.12
CA LEU B 148 -5.07 5.42 -2.31
C LEU B 148 -3.83 4.99 -3.11
N VAL B 149 -3.33 3.81 -2.81
CA VAL B 149 -2.18 3.27 -3.54
C VAL B 149 -2.53 3.10 -5.02
N ILE B 150 -3.68 2.48 -5.27
CA ILE B 150 -4.11 2.22 -6.66
C ILE B 150 -4.32 3.53 -7.42
N ILE B 151 -4.98 4.49 -6.78
CA ILE B 151 -5.25 5.76 -7.42
C ILE B 151 -3.94 6.47 -7.80
N GLU B 152 -2.96 6.46 -6.89
CA GLU B 152 -1.68 7.12 -7.20
C GLU B 152 -0.94 6.43 -8.33
N ALA B 153 -0.90 5.11 -8.29
CA ALA B 153 -0.14 4.36 -9.28
C ALA B 153 -0.75 4.53 -10.68
N VAL B 154 -2.07 4.68 -10.74
CA VAL B 154 -2.78 4.79 -12.02
C VAL B 154 -2.74 6.21 -12.55
N LEU B 155 -3.07 7.19 -11.72
CA LEU B 155 -3.17 8.56 -12.17
C LEU B 155 -1.86 9.12 -12.72
N ARG B 156 -0.72 8.66 -12.23
CA ARG B 156 0.54 9.22 -12.71
C ARG B 156 0.91 8.69 -14.10
N LEU B 157 0.11 7.75 -14.61
CA LEU B 157 0.33 7.17 -15.94
C LEU B 157 -0.67 7.67 -16.96
N VAL B 158 -1.71 8.35 -16.47
CA VAL B 158 -2.78 8.85 -17.34
C VAL B 158 -2.22 9.91 -18.29
N PRO B 159 -2.51 9.76 -19.58
CA PRO B 159 -1.93 10.64 -20.61
C PRO B 159 -2.14 12.13 -20.29
N GLY B 160 -1.04 12.87 -20.20
CA GLY B 160 -1.11 14.27 -19.85
C GLY B 160 -1.13 14.52 -18.36
N VAL B 161 -0.42 13.69 -17.61
CA VAL B 161 -0.31 13.87 -16.16
C VAL B 161 1.13 13.69 -15.70
N SER B 179 11.15 -5.64 -13.61
CA SER B 179 12.34 -5.65 -14.46
C SER B 179 13.61 -5.77 -13.61
N LEU B 180 14.24 -4.62 -13.36
CA LEU B 180 15.40 -4.53 -12.47
C LEU B 180 15.13 -3.41 -11.46
N LEU B 181 15.75 -3.51 -10.29
CA LEU B 181 15.63 -2.43 -9.29
C LEU B 181 16.56 -1.28 -9.61
N GLU B 182 16.08 -0.06 -9.35
CA GLU B 182 16.88 1.16 -9.51
C GLU B 182 18.05 1.12 -8.52
N GLY B 183 19.21 1.58 -8.95
CA GLY B 183 20.36 1.65 -8.07
C GLY B 183 20.36 2.94 -7.27
N PRO B 184 21.44 3.20 -6.54
CA PRO B 184 21.54 4.38 -5.66
C PRO B 184 21.65 5.69 -6.43
N SER B 185 21.12 6.76 -5.83
CA SER B 185 21.16 8.10 -6.42
CA SER B 185 21.19 8.08 -6.43
C SER B 185 21.99 9.01 -5.53
N TYR B 186 22.62 10.02 -6.12
CA TYR B 186 23.45 10.96 -5.35
C TYR B 186 23.28 12.39 -5.84
N THR B 187 23.44 13.35 -4.94
CA THR B 187 23.45 14.74 -5.38
C THR B 187 24.46 15.52 -4.51
N ARG B 188 24.50 16.84 -4.65
CA ARG B 188 25.52 17.65 -3.96
C ARG B 188 25.28 17.70 -2.46
N PRO B 189 26.36 17.83 -1.66
CA PRO B 189 27.77 17.98 -2.06
C PRO B 189 28.48 16.65 -2.33
N PRO B 190 29.59 16.69 -3.09
CA PRO B 190 30.32 15.47 -3.48
C PRO B 190 30.94 14.72 -2.29
N SER B 191 31.18 15.41 -1.17
CA SER B 191 31.58 14.76 0.07
CA SER B 191 31.58 14.76 0.07
C SER B 191 30.69 15.23 1.22
N TRP B 192 30.15 14.30 1.99
CA TRP B 192 29.24 14.60 3.09
C TRP B 192 29.47 13.63 4.24
N ARG B 193 29.71 14.18 5.43
CA ARG B 193 30.08 13.38 6.62
C ARG B 193 31.19 12.38 6.34
N GLY B 194 32.12 12.77 5.47
CA GLY B 194 33.22 11.91 5.11
C GLY B 194 32.82 10.77 4.17
N MET B 195 31.65 10.90 3.53
CA MET B 195 31.18 9.90 2.57
C MET B 195 31.15 10.52 1.16
N ASP B 196 31.91 9.92 0.25
CA ASP B 196 32.08 10.48 -1.09
C ASP B 196 31.08 9.91 -2.09
N VAL B 197 30.55 10.75 -2.96
CA VAL B 197 29.83 10.25 -4.14
C VAL B 197 30.80 9.36 -4.92
N PRO B 198 30.34 8.19 -5.42
CA PRO B 198 31.22 7.34 -6.25
C PRO B 198 31.81 8.14 -7.41
N PRO B 199 33.14 8.07 -7.59
CA PRO B 199 33.86 8.96 -8.50
C PRO B 199 33.40 8.86 -9.94
N VAL B 200 32.97 7.67 -10.38
CA VAL B 200 32.53 7.50 -11.76
C VAL B 200 31.36 8.43 -12.07
N LEU B 201 30.52 8.73 -11.09
CA LEU B 201 29.37 9.60 -11.32
C LEU B 201 29.79 11.04 -11.57
N LEU B 202 31.00 11.38 -11.14
CA LEU B 202 31.54 12.72 -11.34
C LEU B 202 32.41 12.80 -12.60
N SER B 203 32.64 11.65 -13.24
CA SER B 203 33.58 11.57 -14.35
C SER B 203 33.04 12.09 -15.68
N GLY B 204 31.72 12.26 -15.77
CA GLY B 204 31.09 12.70 -17.01
C GLY B 204 31.16 11.70 -18.15
N ASP B 205 31.59 10.47 -17.86
CA ASP B 205 31.70 9.42 -18.88
C ASP B 205 30.44 8.56 -18.92
N HIS B 206 29.50 8.92 -19.79
CA HIS B 206 28.21 8.26 -19.85
C HIS B 206 28.28 6.73 -19.99
N ALA B 207 29.30 6.23 -20.67
CA ALA B 207 29.44 4.79 -20.87
C ALA B 207 29.89 4.10 -19.59
N LYS B 208 30.88 4.66 -18.91
CA LYS B 208 31.32 4.10 -17.64
C LYS B 208 30.21 4.25 -16.59
N ILE B 209 29.50 5.38 -16.63
CA ILE B 209 28.38 5.63 -15.73
C ILE B 209 27.22 4.66 -16.00
N ALA B 210 26.84 4.51 -17.26
CA ALA B 210 25.79 3.56 -17.62
C ALA B 210 26.13 2.15 -17.15
N ALA B 211 27.41 1.78 -17.23
CA ALA B 211 27.84 0.45 -16.83
C ALA B 211 27.89 0.28 -15.31
N TRP B 212 28.30 1.33 -14.62
CA TRP B 212 28.36 1.28 -13.17
C TRP B 212 26.94 1.12 -12.63
N ARG B 213 26.02 1.91 -13.18
CA ARG B 213 24.64 1.87 -12.75
C ARG B 213 24.01 0.52 -13.05
N ALA B 214 24.44 -0.12 -14.13
CA ALA B 214 23.92 -1.43 -14.46
C ALA B 214 24.34 -2.44 -13.41
N GLU B 215 25.62 -2.42 -13.07
CA GLU B 215 26.18 -3.33 -12.07
C GLU B 215 25.57 -3.09 -10.69
N GLN B 216 25.22 -1.84 -10.41
CA GLN B 216 24.57 -1.52 -9.14
C GLN B 216 23.16 -2.11 -9.10
N SER B 217 22.42 -1.91 -10.18
CA SER B 217 21.05 -2.41 -10.24
C SER B 217 20.99 -3.93 -10.20
N ARG B 218 21.89 -4.59 -10.93
CA ARG B 218 21.93 -6.06 -10.96
C ARG B 218 22.23 -6.58 -9.56
N GLN B 219 23.18 -5.92 -8.91
CA GLN B 219 23.64 -6.30 -7.58
C GLN B 219 22.53 -6.11 -6.56
N ARG B 220 21.80 -5.01 -6.68
CA ARG B 220 20.68 -4.72 -5.79
C ARG B 220 19.52 -5.70 -6.02
N THR B 221 19.26 -6.00 -7.29
CA THR B 221 18.16 -6.92 -7.62
C THR B 221 18.40 -8.33 -7.09
N ILE B 222 19.61 -8.84 -7.33
CA ILE B 222 19.99 -10.13 -6.79
C ILE B 222 19.85 -10.23 -5.29
N GLU B 223 20.30 -9.18 -4.59
CA GLU B 223 20.30 -9.15 -3.13
C GLU B 223 18.89 -9.01 -2.56
N ARG B 224 18.11 -8.10 -3.13
CA ARG B 224 16.80 -7.77 -2.55
C ARG B 224 15.62 -8.47 -3.19
N ARG B 225 15.67 -8.68 -4.50
CA ARG B 225 14.54 -9.26 -5.22
C ARG B 225 14.97 -10.33 -6.22
N PRO B 226 15.52 -11.43 -5.73
CA PRO B 226 16.00 -12.47 -6.67
C PRO B 226 14.88 -13.05 -7.52
N ASP B 227 13.64 -12.94 -7.07
CA ASP B 227 12.49 -13.42 -7.83
C ASP B 227 12.34 -12.71 -9.18
N LEU B 228 12.74 -11.45 -9.24
CA LEU B 228 12.62 -10.67 -10.47
C LEU B 228 13.55 -11.20 -11.56
N LEU B 229 14.64 -11.85 -11.15
CA LEU B 229 15.59 -12.42 -12.10
C LEU B 229 15.42 -13.94 -12.24
N GLY B 230 14.36 -14.48 -11.64
CA GLY B 230 13.99 -15.87 -11.81
C GLY B 230 14.73 -16.81 -10.87
N PHE B 231 15.10 -16.30 -9.70
CA PHE B 231 15.75 -17.12 -8.69
C PHE B 231 14.85 -17.33 -7.49
N ASP B 232 15.15 -18.36 -6.70
CA ASP B 232 14.38 -18.66 -5.50
C ASP B 232 14.42 -17.51 -4.51
N SER B 233 13.27 -17.22 -3.90
CA SER B 233 13.20 -16.22 -2.84
C SER B 233 13.85 -16.75 -1.58
N PRO B 234 14.44 -15.85 -0.76
CA PRO B 234 15.11 -16.25 0.47
C PRO B 234 14.16 -16.81 1.52
#